data_2PD2
#
_entry.id   2PD2
#
_cell.length_a   112.272
_cell.length_b   112.272
_cell.length_c   112.272
_cell.angle_alpha   90.00
_cell.angle_beta   90.00
_cell.angle_gamma   90.00
#
_symmetry.space_group_name_H-M   'I 21 3'
#
loop_
_entity.id
_entity.type
_entity.pdbx_description
1 polymer 'Hypothetical protein ST0148'
2 water water
#
_entity_poly.entity_id   1
_entity_poly.type   'polypeptide(L)'
_entity_poly.pdbx_seq_one_letter_code
;MKVVVQIKDFDKVPQALRSVINLYNDIKDAEIEVVLHQSAIKALLKDSDTRSIIEDLIKKNILIVGCENSIRSQNLSHDQ
LIPGIKIVTSGVGEIVRKQSEGWIYLAL
;
_entity_poly.pdbx_strand_id   A,B
#
# COMPACT_ATOMS: atom_id res chain seq x y z
N MET A 1 19.50 -26.37 0.39
CA MET A 1 18.87 -26.10 1.72
C MET A 1 17.69 -25.14 1.55
N LYS A 2 16.49 -25.67 1.62
CA LYS A 2 15.27 -24.88 1.47
C LYS A 2 14.84 -24.20 2.77
N VAL A 3 14.72 -22.88 2.74
CA VAL A 3 14.33 -22.11 3.93
C VAL A 3 13.18 -21.16 3.62
N VAL A 4 12.11 -21.24 4.40
CA VAL A 4 10.99 -20.34 4.21
C VAL A 4 11.11 -19.34 5.37
N VAL A 5 11.36 -18.08 5.02
CA VAL A 5 11.54 -17.01 6.00
C VAL A 5 10.28 -16.17 6.19
N GLN A 6 9.93 -15.93 7.44
CA GLN A 6 8.75 -15.11 7.75
C GLN A 6 9.15 -13.76 8.34
N ILE A 7 8.47 -12.70 7.88
CA ILE A 7 8.71 -11.35 8.41
C ILE A 7 7.31 -10.77 8.56
N LYS A 8 6.95 -10.35 9.77
CA LYS A 8 5.61 -9.82 10.01
C LYS A 8 5.56 -8.41 10.60
N ASP A 9 6.64 -7.98 11.24
CA ASP A 9 6.66 -6.66 11.87
C ASP A 9 7.40 -5.64 11.02
N PHE A 10 6.67 -4.62 10.56
CA PHE A 10 7.26 -3.58 9.74
C PHE A 10 8.46 -2.90 10.39
N ASP A 11 8.38 -2.61 11.69
CA ASP A 11 9.48 -1.94 12.37
C ASP A 11 10.74 -2.78 12.48
N LYS A 12 10.66 -4.06 12.15
CA LYS A 12 11.82 -4.94 12.23
C LYS A 12 12.31 -5.41 10.87
N VAL A 13 11.73 -4.87 9.80
CA VAL A 13 12.12 -5.26 8.45
C VAL A 13 13.59 -5.00 8.14
N PRO A 14 14.10 -3.81 8.48
CA PRO A 14 15.52 -3.58 8.17
C PRO A 14 16.43 -4.68 8.73
N GLN A 15 16.25 -5.01 10.01
CA GLN A 15 17.08 -6.05 10.63
C GLN A 15 16.78 -7.42 10.04
N ALA A 16 15.52 -7.66 9.71
CA ALA A 16 15.13 -8.95 9.14
C ALA A 16 15.82 -9.14 7.78
N LEU A 17 15.79 -8.10 6.96
CA LEU A 17 16.41 -8.19 5.64
C LEU A 17 17.92 -8.40 5.76
N ARG A 18 18.56 -7.78 6.75
CA ARG A 18 19.99 -7.99 6.92
C ARG A 18 20.22 -9.44 7.34
N SER A 19 19.30 -9.98 8.14
CA SER A 19 19.42 -11.36 8.58
C SER A 19 19.28 -12.32 7.39
N VAL A 20 18.42 -11.99 6.44
CA VAL A 20 18.26 -12.82 5.26
C VAL A 20 19.55 -12.77 4.45
N ILE A 21 20.16 -11.59 4.36
CA ILE A 21 21.42 -11.45 3.65
C ILE A 21 22.45 -12.34 4.35
N ASN A 22 22.43 -12.33 5.68
CA ASN A 22 23.36 -13.17 6.46
C ASN A 22 23.13 -14.65 6.15
N LEU A 23 21.88 -15.05 6.06
CA LEU A 23 21.53 -16.43 5.75
C LEU A 23 22.14 -16.82 4.41
N TYR A 24 21.84 -16.00 3.40
CA TYR A 24 22.35 -16.21 2.04
C TYR A 24 23.86 -16.39 2.04
N ASN A 25 24.57 -15.51 2.73
CA ASN A 25 26.03 -15.59 2.78
C ASN A 25 26.55 -16.79 3.56
N ASP A 26 25.75 -17.30 4.48
CA ASP A 26 26.20 -18.41 5.32
C ASP A 26 25.89 -19.82 4.83
N ILE A 27 24.79 -19.99 4.11
CA ILE A 27 24.41 -21.31 3.63
C ILE A 27 24.59 -21.44 2.12
N LYS A 28 25.59 -22.20 1.72
CA LYS A 28 25.89 -22.42 0.31
C LYS A 28 24.68 -22.99 -0.42
N ASP A 29 24.38 -22.41 -1.57
CA ASP A 29 23.26 -22.85 -2.40
C ASP A 29 21.92 -22.89 -1.67
N ALA A 30 21.72 -21.98 -0.74
CA ALA A 30 20.45 -21.94 -0.02
C ALA A 30 19.34 -21.58 -1.01
N GLU A 31 18.17 -22.19 -0.81
CA GLU A 31 17.01 -21.90 -1.64
C GLU A 31 16.09 -21.18 -0.68
N ILE A 32 16.00 -19.86 -0.82
CA ILE A 32 15.23 -19.05 0.11
C ILE A 32 13.98 -18.39 -0.44
N GLU A 33 12.91 -18.45 0.34
CA GLU A 33 11.64 -17.81 0.03
C GLU A 33 11.28 -16.96 1.23
N VAL A 34 11.07 -15.68 1.01
CA VAL A 34 10.73 -14.78 2.10
C VAL A 34 9.27 -14.36 1.98
N VAL A 35 8.51 -14.65 3.02
CA VAL A 35 7.08 -14.31 3.05
C VAL A 35 6.81 -13.14 4.00
N LEU A 36 6.33 -12.03 3.47
CA LEU A 36 6.03 -10.88 4.31
C LEU A 36 4.52 -10.73 4.50
N HIS A 37 4.09 -10.64 5.75
CA HIS A 37 2.67 -10.47 6.05
C HIS A 37 2.46 -9.50 7.21
N GLN A 38 1.20 -9.29 7.56
CA GLN A 38 0.84 -8.31 8.59
C GLN A 38 1.44 -6.97 8.13
N SER A 39 1.90 -6.14 9.06
CA SER A 39 2.42 -4.83 8.68
C SER A 39 3.67 -4.82 7.83
N ALA A 40 4.43 -5.91 7.87
CA ALA A 40 5.67 -5.97 7.10
C ALA A 40 5.42 -5.85 5.59
N ILE A 41 4.20 -6.11 5.14
CA ILE A 41 3.88 -6.03 3.72
C ILE A 41 4.24 -4.64 3.16
N LYS A 42 4.20 -3.63 4.01
CA LYS A 42 4.49 -2.27 3.57
C LYS A 42 5.90 -2.13 3.02
N ALA A 43 6.78 -3.05 3.40
CA ALA A 43 8.16 -2.99 2.92
C ALA A 43 8.24 -3.30 1.43
N LEU A 44 7.17 -3.86 0.85
CA LEU A 44 7.19 -4.19 -0.57
C LEU A 44 6.62 -3.08 -1.45
N LEU A 45 6.36 -1.93 -0.87
CA LEU A 45 5.84 -0.80 -1.63
C LEU A 45 6.94 -0.22 -2.52
N LYS A 46 6.55 0.35 -3.66
CA LYS A 46 7.52 0.92 -4.59
C LYS A 46 8.36 2.05 -4.00
N ASP A 47 7.79 2.79 -3.05
CA ASP A 47 8.52 3.89 -2.43
C ASP A 47 9.11 3.48 -1.08
N SER A 48 9.14 2.18 -0.84
CA SER A 48 9.70 1.62 0.41
C SER A 48 11.16 1.99 0.61
N ASP A 49 11.53 2.28 1.86
CA ASP A 49 12.91 2.61 2.19
C ASP A 49 13.85 1.40 2.01
N THR A 50 13.29 0.20 2.01
CA THR A 50 14.12 -0.99 1.84
C THR A 50 14.06 -1.56 0.43
N ARG A 51 13.48 -0.83 -0.50
CA ARG A 51 13.35 -1.31 -1.87
C ARG A 51 14.66 -1.82 -2.48
N SER A 52 15.73 -1.05 -2.36
CA SER A 52 17.01 -1.46 -2.92
C SER A 52 17.52 -2.77 -2.34
N ILE A 53 17.24 -3.00 -1.05
CA ILE A 53 17.67 -4.24 -0.42
C ILE A 53 16.83 -5.41 -0.97
N ILE A 54 15.52 -5.18 -1.09
CA ILE A 54 14.63 -6.22 -1.61
C ILE A 54 15.03 -6.58 -3.05
N GLU A 55 15.36 -5.56 -3.84
CA GLU A 55 15.76 -5.77 -5.22
C GLU A 55 17.05 -6.58 -5.28
N ASP A 56 17.94 -6.34 -4.32
CA ASP A 56 19.20 -7.06 -4.27
C ASP A 56 18.95 -8.55 -3.95
N LEU A 57 18.01 -8.82 -3.05
CA LEU A 57 17.68 -10.20 -2.69
C LEU A 57 17.11 -10.91 -3.93
N ILE A 58 16.31 -10.18 -4.70
CA ILE A 58 15.72 -10.74 -5.91
C ILE A 58 16.84 -11.09 -6.90
N LYS A 59 17.83 -10.21 -6.97
CA LYS A 59 18.97 -10.43 -7.85
C LYS A 59 19.69 -11.73 -7.45
N LYS A 60 19.76 -11.96 -6.15
CA LYS A 60 20.41 -13.15 -5.61
C LYS A 60 19.53 -14.39 -5.76
N ASN A 61 18.48 -14.27 -6.57
CA ASN A 61 17.54 -15.37 -6.85
C ASN A 61 16.70 -15.79 -5.64
N ILE A 62 16.46 -14.87 -4.73
CA ILE A 62 15.64 -15.16 -3.56
C ILE A 62 14.18 -14.85 -3.91
N LEU A 63 13.27 -15.76 -3.57
CA LEU A 63 11.85 -15.56 -3.86
C LEU A 63 11.21 -14.66 -2.81
N ILE A 64 10.70 -13.51 -3.25
CA ILE A 64 10.06 -12.55 -2.35
C ILE A 64 8.55 -12.66 -2.52
N VAL A 65 7.86 -13.00 -1.42
CA VAL A 65 6.41 -13.20 -1.46
C VAL A 65 5.63 -12.30 -0.51
N GLY A 66 4.55 -11.70 -1.03
CA GLY A 66 3.72 -10.85 -0.20
C GLY A 66 2.35 -11.46 0.05
N CYS A 67 1.82 -11.26 1.25
CA CYS A 67 0.51 -11.80 1.64
C CYS A 67 -0.65 -10.94 1.13
N GLU A 68 -1.56 -11.56 0.38
CA GLU A 68 -2.73 -10.86 -0.17
C GLU A 68 -3.63 -10.32 0.94
N ASN A 69 -3.86 -11.13 1.97
CA ASN A 69 -4.70 -10.69 3.08
C ASN A 69 -4.13 -9.42 3.70
N SER A 70 -2.80 -9.39 3.83
CA SER A 70 -2.11 -8.24 4.42
C SER A 70 -2.14 -7.04 3.48
N ILE A 71 -1.97 -7.29 2.18
CA ILE A 71 -2.03 -6.20 1.21
C ILE A 71 -3.39 -5.53 1.33
N ARG A 72 -4.44 -6.34 1.43
CA ARG A 72 -5.82 -5.82 1.54
C ARG A 72 -6.09 -5.07 2.84
N SER A 73 -5.65 -5.62 3.97
CA SER A 73 -5.88 -4.96 5.25
C SER A 73 -5.07 -3.66 5.41
N GLN A 74 -3.98 -3.53 4.65
CA GLN A 74 -3.16 -2.32 4.71
C GLN A 74 -3.60 -1.34 3.62
N ASN A 75 -4.69 -1.68 2.95
CA ASN A 75 -5.24 -0.86 1.86
C ASN A 75 -4.20 -0.52 0.81
N LEU A 76 -3.49 -1.54 0.32
CA LEU A 76 -2.48 -1.33 -0.71
C LEU A 76 -2.98 -1.87 -2.02
N SER A 77 -2.39 -1.41 -3.12
CA SER A 77 -2.74 -1.85 -4.46
C SER A 77 -1.55 -2.61 -5.05
N HIS A 78 -1.83 -3.67 -5.80
CA HIS A 78 -0.75 -4.45 -6.40
C HIS A 78 0.08 -3.56 -7.32
N ASP A 79 -0.55 -2.52 -7.82
CA ASP A 79 0.11 -1.57 -8.70
C ASP A 79 1.21 -0.82 -7.95
N GLN A 80 1.05 -0.74 -6.63
CA GLN A 80 1.98 -0.01 -5.77
C GLN A 80 3.17 -0.82 -5.27
N LEU A 81 3.15 -2.12 -5.51
CA LEU A 81 4.22 -2.99 -5.05
C LEU A 81 5.40 -3.08 -6.02
N ILE A 82 6.56 -3.45 -5.48
CA ILE A 82 7.76 -3.60 -6.29
C ILE A 82 7.52 -4.66 -7.37
N PRO A 83 7.91 -4.36 -8.62
CA PRO A 83 7.70 -5.31 -9.72
C PRO A 83 8.50 -6.59 -9.51
N GLY A 84 7.90 -7.74 -9.82
CA GLY A 84 8.60 -9.00 -9.65
C GLY A 84 8.30 -9.67 -8.33
N ILE A 85 7.38 -9.08 -7.57
CA ILE A 85 6.95 -9.62 -6.29
C ILE A 85 5.86 -10.65 -6.53
N LYS A 86 5.97 -11.82 -5.92
CA LYS A 86 4.93 -12.84 -6.05
C LYS A 86 3.98 -12.63 -4.88
N ILE A 87 2.72 -13.00 -5.07
CA ILE A 87 1.70 -12.85 -4.03
C ILE A 87 1.02 -14.19 -3.77
N VAL A 88 0.67 -14.45 -2.52
CA VAL A 88 -0.05 -15.68 -2.18
C VAL A 88 -1.32 -15.25 -1.48
N THR A 89 -2.33 -16.11 -1.51
CA THR A 89 -3.61 -15.80 -0.89
C THR A 89 -3.46 -15.51 0.60
N SER A 90 -2.61 -16.29 1.26
CA SER A 90 -2.37 -16.15 2.69
C SER A 90 -0.89 -16.35 2.99
N GLY A 91 -0.29 -15.38 3.67
CA GLY A 91 1.11 -15.49 4.01
C GLY A 91 1.34 -16.63 4.98
N VAL A 92 0.47 -16.75 5.98
CA VAL A 92 0.59 -17.80 6.96
C VAL A 92 0.30 -19.16 6.33
N GLY A 93 -0.61 -19.20 5.37
CA GLY A 93 -0.91 -20.46 4.71
C GLY A 93 0.29 -20.93 3.91
N GLU A 94 0.99 -19.98 3.29
CA GLU A 94 2.19 -20.29 2.49
C GLU A 94 3.29 -20.81 3.42
N ILE A 95 3.49 -20.12 4.54
CA ILE A 95 4.52 -20.50 5.50
C ILE A 95 4.28 -21.93 5.99
N VAL A 96 3.03 -22.25 6.33
CA VAL A 96 2.70 -23.58 6.79
C VAL A 96 2.89 -24.62 5.66
N ARG A 97 2.39 -24.31 4.47
CA ARG A 97 2.52 -25.25 3.35
C ARG A 97 3.97 -25.54 2.97
N LYS A 98 4.81 -24.50 2.90
CA LYS A 98 6.20 -24.72 2.55
C LYS A 98 6.84 -25.63 3.60
N GLN A 99 6.53 -25.41 4.87
CA GLN A 99 7.10 -26.27 5.91
C GLN A 99 6.66 -27.72 5.73
N SER A 100 5.41 -27.94 5.34
CA SER A 100 4.91 -29.30 5.14
C SER A 100 5.61 -29.92 3.94
N GLU A 101 6.15 -29.07 3.07
CA GLU A 101 6.85 -29.54 1.88
C GLU A 101 8.33 -29.77 2.18
N GLY A 102 8.74 -29.58 3.43
CA GLY A 102 10.12 -29.80 3.81
C GLY A 102 10.99 -28.55 3.95
N TRP A 103 10.40 -27.37 3.82
CA TRP A 103 11.18 -26.14 3.93
C TRP A 103 11.41 -25.82 5.39
N ILE A 104 12.63 -25.40 5.72
CA ILE A 104 12.98 -25.04 7.08
C ILE A 104 12.49 -23.62 7.40
N TYR A 105 11.77 -23.51 8.50
CA TYR A 105 11.18 -22.25 8.96
C TYR A 105 12.11 -21.36 9.77
N LEU A 106 12.10 -20.08 9.42
CA LEU A 106 12.91 -19.08 10.11
C LEU A 106 12.06 -17.83 10.32
N ALA A 107 11.77 -17.51 11.58
CA ALA A 107 10.95 -16.35 11.89
C ALA A 107 11.82 -15.14 12.19
N LEU A 108 11.65 -14.07 11.42
CA LEU A 108 12.41 -12.84 11.61
C LEU A 108 11.49 -11.68 11.91
N MET B 1 -7.42 8.45 -19.80
CA MET B 1 -7.07 9.82 -19.33
C MET B 1 -6.84 9.86 -17.82
N LYS B 2 -6.21 10.94 -17.37
CA LYS B 2 -5.91 11.11 -15.96
C LYS B 2 -6.83 12.18 -15.35
N VAL B 3 -7.49 11.82 -14.25
CA VAL B 3 -8.40 12.73 -13.58
C VAL B 3 -8.02 12.97 -12.13
N VAL B 4 -7.90 14.23 -11.75
CA VAL B 4 -7.60 14.57 -10.36
C VAL B 4 -8.90 15.09 -9.76
N VAL B 5 -9.40 14.38 -8.75
CA VAL B 5 -10.67 14.73 -8.09
C VAL B 5 -10.49 15.39 -6.73
N GLN B 6 -11.23 16.48 -6.52
CA GLN B 6 -11.17 17.21 -5.27
C GLN B 6 -12.43 17.05 -4.41
N ILE B 7 -12.24 16.74 -3.14
CA ILE B 7 -13.35 16.61 -2.20
C ILE B 7 -12.91 17.42 -0.98
N LYS B 8 -13.69 18.43 -0.62
CA LYS B 8 -13.31 19.27 0.52
C LYS B 8 -14.39 19.46 1.59
N ASP B 9 -15.65 19.18 1.26
CA ASP B 9 -16.74 19.33 2.22
C ASP B 9 -17.13 17.99 2.84
N PHE B 10 -16.82 17.84 4.13
CA PHE B 10 -17.12 16.62 4.84
C PHE B 10 -18.55 16.13 4.64
N ASP B 11 -19.51 17.04 4.77
CA ASP B 11 -20.92 16.70 4.61
C ASP B 11 -21.28 16.21 3.21
N LYS B 12 -20.40 16.47 2.24
CA LYS B 12 -20.69 16.04 0.87
C LYS B 12 -19.91 14.81 0.44
N VAL B 13 -19.11 14.23 1.34
CA VAL B 13 -18.31 13.07 0.99
C VAL B 13 -19.09 11.88 0.43
N PRO B 14 -20.21 11.51 1.06
CA PRO B 14 -20.97 10.37 0.53
C PRO B 14 -21.31 10.52 -0.94
N GLN B 15 -21.90 11.66 -1.31
CA GLN B 15 -22.28 11.89 -2.70
C GLN B 15 -21.05 11.97 -3.59
N ALA B 16 -20.00 12.62 -3.09
CA ALA B 16 -18.75 12.75 -3.86
C ALA B 16 -18.16 11.38 -4.17
N LEU B 17 -18.15 10.48 -3.19
CA LEU B 17 -17.60 9.16 -3.41
C LEU B 17 -18.46 8.40 -4.42
N ARG B 18 -19.75 8.69 -4.41
CA ARG B 18 -20.68 8.05 -5.34
C ARG B 18 -20.36 8.54 -6.75
N SER B 19 -20.08 9.84 -6.87
CA SER B 19 -19.74 10.43 -8.16
C SER B 19 -18.43 9.83 -8.68
N VAL B 20 -17.50 9.56 -7.78
CA VAL B 20 -16.21 8.98 -8.16
C VAL B 20 -16.47 7.60 -8.77
N ILE B 21 -17.41 6.87 -8.20
CA ILE B 21 -17.75 5.55 -8.73
C ILE B 21 -18.35 5.73 -10.11
N ASN B 22 -19.25 6.70 -10.25
CA ASN B 22 -19.86 6.96 -11.54
C ASN B 22 -18.79 7.28 -12.58
N LEU B 23 -17.75 7.99 -12.16
CA LEU B 23 -16.66 8.35 -13.07
C LEU B 23 -15.93 7.07 -13.47
N TYR B 24 -15.53 6.29 -12.46
CA TYR B 24 -14.83 5.03 -12.69
C TYR B 24 -15.57 4.13 -13.68
N ASN B 25 -16.89 4.01 -13.52
CA ASN B 25 -17.70 3.18 -14.39
C ASN B 25 -17.95 3.75 -15.78
N ASP B 26 -17.85 5.06 -15.93
CA ASP B 26 -18.11 5.70 -17.21
C ASP B 26 -16.89 5.86 -18.12
N ILE B 27 -15.74 6.21 -17.54
CA ILE B 27 -14.52 6.38 -18.33
C ILE B 27 -13.61 5.17 -18.11
N LYS B 28 -13.80 4.15 -18.94
CA LYS B 28 -13.02 2.93 -18.84
C LYS B 28 -11.51 3.18 -18.92
N ASP B 29 -10.77 2.50 -18.04
CA ASP B 29 -9.31 2.59 -18.00
C ASP B 29 -8.76 3.98 -17.69
N ALA B 30 -9.50 4.76 -16.92
CA ALA B 30 -9.04 6.10 -16.57
C ALA B 30 -8.17 6.00 -15.32
N GLU B 31 -7.23 6.91 -15.16
CA GLU B 31 -6.37 6.93 -13.98
C GLU B 31 -6.97 7.99 -13.08
N ILE B 32 -7.43 7.59 -11.91
CA ILE B 32 -8.07 8.50 -10.98
C ILE B 32 -7.30 8.72 -9.69
N GLU B 33 -7.25 9.97 -9.26
CA GLU B 33 -6.58 10.33 -8.02
C GLU B 33 -7.52 11.26 -7.26
N VAL B 34 -7.94 10.84 -6.07
CA VAL B 34 -8.86 11.64 -5.27
C VAL B 34 -8.14 12.34 -4.12
N VAL B 35 -8.16 13.68 -4.16
CA VAL B 35 -7.52 14.49 -3.15
C VAL B 35 -8.54 15.07 -2.17
N LEU B 36 -8.40 14.72 -0.90
CA LEU B 36 -9.31 15.22 0.14
C LEU B 36 -8.61 16.25 1.02
N HIS B 37 -9.20 17.44 1.12
CA HIS B 37 -8.63 18.48 1.95
C HIS B 37 -9.73 19.13 2.78
N GLN B 38 -9.38 20.17 3.53
CA GLN B 38 -10.34 20.83 4.41
C GLN B 38 -11.02 19.81 5.33
N SER B 39 -12.30 20.00 5.64
CA SER B 39 -13.00 19.08 6.55
C SER B 39 -13.18 17.67 6.00
N ALA B 40 -13.17 17.52 4.68
CA ALA B 40 -13.35 16.21 4.07
C ALA B 40 -12.28 15.20 4.52
N ILE B 41 -11.17 15.71 5.07
CA ILE B 41 -10.09 14.85 5.53
C ILE B 41 -10.59 13.88 6.62
N LYS B 42 -11.60 14.31 7.37
CA LYS B 42 -12.16 13.49 8.43
C LYS B 42 -12.76 12.18 7.94
N ALA B 43 -12.99 12.09 6.64
CA ALA B 43 -13.54 10.87 6.06
C ALA B 43 -12.49 9.75 6.06
N LEU B 44 -11.23 10.12 6.24
CA LEU B 44 -10.15 9.13 6.25
C LEU B 44 -9.87 8.55 7.64
N LEU B 45 -10.69 8.91 8.61
CA LEU B 45 -10.53 8.40 9.97
C LEU B 45 -10.85 6.90 10.02
N LYS B 46 -10.11 6.17 10.85
CA LYS B 46 -10.33 4.73 10.99
C LYS B 46 -11.77 4.35 11.32
N ASP B 47 -12.50 5.25 11.96
CA ASP B 47 -13.88 4.96 12.33
C ASP B 47 -14.89 5.71 11.46
N SER B 48 -14.47 6.11 10.27
CA SER B 48 -15.32 6.83 9.34
C SER B 48 -16.49 5.98 8.83
N ASP B 49 -17.64 6.62 8.65
CA ASP B 49 -18.81 5.92 8.14
C ASP B 49 -18.59 5.56 6.67
N THR B 50 -17.64 6.22 6.03
CA THR B 50 -17.35 5.96 4.63
C THR B 50 -16.11 5.09 4.40
N ARG B 51 -15.55 4.57 5.48
CA ARG B 51 -14.34 3.75 5.36
C ARG B 51 -14.43 2.64 4.31
N SER B 52 -15.51 1.87 4.36
CA SER B 52 -15.70 0.77 3.40
C SER B 52 -15.69 1.23 1.96
N ILE B 53 -16.36 2.33 1.66
CA ILE B 53 -16.41 2.85 0.30
C ILE B 53 -15.04 3.32 -0.17
N ILE B 54 -14.33 4.03 0.71
CA ILE B 54 -13.00 4.53 0.38
C ILE B 54 -12.05 3.35 0.14
N GLU B 55 -12.07 2.37 1.04
CA GLU B 55 -11.20 1.21 0.88
C GLU B 55 -11.55 0.44 -0.38
N ASP B 56 -12.81 0.55 -0.80
CA ASP B 56 -13.26 -0.11 -2.01
C ASP B 56 -12.66 0.58 -3.24
N LEU B 57 -12.62 1.91 -3.20
CA LEU B 57 -12.06 2.68 -4.32
C LEU B 57 -10.59 2.32 -4.50
N ILE B 58 -9.89 2.13 -3.39
CA ILE B 58 -8.48 1.78 -3.44
C ILE B 58 -8.31 0.44 -4.14
N LYS B 59 -9.25 -0.47 -3.91
CA LYS B 59 -9.21 -1.78 -4.55
C LYS B 59 -9.36 -1.63 -6.05
N LYS B 60 -10.05 -0.57 -6.47
CA LYS B 60 -10.25 -0.32 -7.88
C LYS B 60 -9.08 0.48 -8.44
N ASN B 61 -7.99 0.49 -7.68
CA ASN B 61 -6.77 1.19 -8.07
C ASN B 61 -6.88 2.71 -8.16
N ILE B 62 -7.81 3.27 -7.40
CA ILE B 62 -7.99 4.72 -7.35
C ILE B 62 -7.12 5.20 -6.20
N LEU B 63 -6.26 6.17 -6.47
CA LEU B 63 -5.38 6.71 -5.45
C LEU B 63 -6.10 7.69 -4.55
N ILE B 64 -6.08 7.42 -3.25
CA ILE B 64 -6.71 8.29 -2.26
C ILE B 64 -5.59 9.14 -1.67
N VAL B 65 -5.73 10.45 -1.77
CA VAL B 65 -4.72 11.38 -1.27
C VAL B 65 -5.23 12.25 -0.12
N GLY B 66 -4.41 12.39 0.91
CA GLY B 66 -4.79 13.21 2.06
C GLY B 66 -3.91 14.43 2.19
N CYS B 67 -4.53 15.57 2.48
CA CYS B 67 -3.81 16.84 2.64
C CYS B 67 -3.21 16.95 4.04
N GLU B 68 -1.89 17.06 4.09
CA GLU B 68 -1.18 17.18 5.36
C GLU B 68 -1.61 18.42 6.13
N ASN B 69 -1.74 19.55 5.43
CA ASN B 69 -2.17 20.78 6.09
C ASN B 69 -3.52 20.56 6.76
N SER B 70 -4.43 19.91 6.04
CA SER B 70 -5.77 19.66 6.56
C SER B 70 -5.76 18.68 7.73
N ILE B 71 -4.93 17.65 7.63
CA ILE B 71 -4.83 16.68 8.71
C ILE B 71 -4.47 17.41 10.00
N ARG B 72 -3.53 18.34 9.90
CA ARG B 72 -3.10 19.09 11.07
C ARG B 72 -4.13 20.11 11.55
N SER B 73 -4.74 20.85 10.63
CA SER B 73 -5.74 21.84 11.01
C SER B 73 -6.96 21.18 11.64
N GLN B 74 -7.16 19.90 11.36
CA GLN B 74 -8.29 19.16 11.95
C GLN B 74 -7.80 18.45 13.22
N ASN B 75 -6.58 18.80 13.63
CA ASN B 75 -5.95 18.22 14.81
C ASN B 75 -5.98 16.71 14.83
N LEU B 76 -5.65 16.10 13.69
CA LEU B 76 -5.65 14.65 13.56
C LEU B 76 -4.22 14.12 13.53
N SER B 77 -4.10 12.81 13.77
CA SER B 77 -2.81 12.15 13.75
C SER B 77 -2.83 11.06 12.68
N HIS B 78 -1.70 10.87 12.04
CA HIS B 78 -1.56 9.87 10.97
C HIS B 78 -2.00 8.48 11.42
N ASP B 79 -1.87 8.20 12.72
CA ASP B 79 -2.24 6.90 13.25
C ASP B 79 -3.75 6.76 13.49
N GLN B 80 -4.48 7.85 13.32
CA GLN B 80 -5.92 7.84 13.51
C GLN B 80 -6.61 7.60 12.17
N LEU B 81 -5.85 7.79 11.10
CA LEU B 81 -6.38 7.61 9.75
C LEU B 81 -6.17 6.17 9.29
N ILE B 82 -6.97 5.71 8.33
CA ILE B 82 -6.81 4.36 7.82
C ILE B 82 -5.51 4.30 7.03
N PRO B 83 -4.87 3.13 6.98
CA PRO B 83 -3.61 3.01 6.24
C PRO B 83 -3.81 3.03 4.72
N GLY B 84 -2.71 3.17 3.99
CA GLY B 84 -2.79 3.17 2.54
C GLY B 84 -3.05 4.53 1.90
N ILE B 85 -3.11 5.57 2.72
CA ILE B 85 -3.37 6.90 2.20
C ILE B 85 -2.08 7.64 1.82
N LYS B 86 -2.04 8.21 0.63
CA LYS B 86 -0.89 8.98 0.18
C LYS B 86 -1.03 10.38 0.76
N ILE B 87 -0.04 10.82 1.52
CA ILE B 87 -0.09 12.13 2.13
C ILE B 87 0.77 13.15 1.39
N VAL B 88 0.16 14.28 1.01
CA VAL B 88 0.87 15.35 0.33
C VAL B 88 0.89 16.57 1.24
N THR B 89 1.91 17.40 1.09
CA THR B 89 2.02 18.59 1.92
C THR B 89 0.76 19.46 1.86
N SER B 90 0.26 19.66 0.65
CA SER B 90 -0.93 20.49 0.44
C SER B 90 -1.85 19.89 -0.62
N GLY B 91 -3.12 19.71 -0.25
CA GLY B 91 -4.08 19.16 -1.19
C GLY B 91 -4.32 20.05 -2.39
N VAL B 92 -4.42 21.35 -2.15
CA VAL B 92 -4.66 22.30 -3.24
C VAL B 92 -3.41 22.40 -4.12
N GLY B 93 -2.24 22.34 -3.50
CA GLY B 93 -1.00 22.42 -4.27
C GLY B 93 -0.90 21.22 -5.19
N GLU B 94 -1.33 20.07 -4.67
CA GLU B 94 -1.31 18.81 -5.42
C GLU B 94 -2.29 18.88 -6.60
N ILE B 95 -3.48 19.39 -6.33
CA ILE B 95 -4.51 19.52 -7.35
C ILE B 95 -4.03 20.41 -8.50
N VAL B 96 -3.40 21.53 -8.14
CA VAL B 96 -2.90 22.47 -9.14
C VAL B 96 -1.70 21.87 -9.89
N ARG B 97 -0.83 21.21 -9.14
CA ARG B 97 0.35 20.58 -9.69
C ARG B 97 -0.07 19.54 -10.75
N LYS B 98 -1.02 18.69 -10.40
CA LYS B 98 -1.51 17.67 -11.32
C LYS B 98 -2.12 18.28 -12.58
N GLN B 99 -2.87 19.37 -12.43
CA GLN B 99 -3.48 20.00 -13.59
C GLN B 99 -2.42 20.55 -14.53
N SER B 100 -1.34 21.09 -13.97
CA SER B 100 -0.27 21.63 -14.80
C SER B 100 0.36 20.47 -15.55
N GLU B 101 0.27 19.28 -14.96
CA GLU B 101 0.82 18.07 -15.56
C GLU B 101 -0.15 17.41 -16.53
N GLY B 102 -1.25 18.10 -16.84
CA GLY B 102 -2.21 17.56 -17.78
C GLY B 102 -3.41 16.81 -17.22
N TRP B 103 -3.47 16.64 -15.90
CA TRP B 103 -4.61 15.94 -15.32
C TRP B 103 -5.88 16.78 -15.44
N ILE B 104 -7.00 16.11 -15.68
CA ILE B 104 -8.29 16.81 -15.79
C ILE B 104 -8.90 16.96 -14.41
N TYR B 105 -9.26 18.20 -14.07
CA TYR B 105 -9.81 18.55 -12.77
C TYR B 105 -11.32 18.37 -12.64
N LEU B 106 -11.72 17.76 -11.53
CA LEU B 106 -13.14 17.56 -11.23
C LEU B 106 -13.38 17.90 -9.76
N ALA B 107 -14.17 18.93 -9.52
CA ALA B 107 -14.47 19.35 -8.16
C ALA B 107 -15.78 18.74 -7.68
N LEU B 108 -15.72 18.01 -6.58
CA LEU B 108 -16.92 17.41 -6.00
C LEU B 108 -17.13 17.97 -4.61
#